data_5KBG
#
_entry.id   5KBG
#
_cell.length_a   45.266
_cell.length_b   92.945
_cell.length_c   119.818
_cell.angle_alpha   90.00
_cell.angle_beta   90.00
_cell.angle_gamma   90.00
#
_symmetry.space_group_name_H-M   'P 21 21 21'
#
loop_
_entity.id
_entity.type
_entity.pdbx_description
1 polymer MopR
2 non-polymer 'ZINC ION'
3 non-polymer o-cresol
4 water water
#
_entity_poly.entity_id   1
_entity_poly.type   'polypeptide(L)'
_entity_poly.pdbx_seq_one_letter_code
;MSPAKDVKVYKKILEQNKDIQDLLDKIVFDAQHGQIWFDENRMLLMHTSILGFLRKDLYQMLGLERTKRFFIRCGYQAGM
RDAEVTSKLRPNLNEAEAFMAGPQMHGIRGMVQVEVNELHLSHDLKQFYADFNWLNSFEAEVHLSEFGASDQPACWMLLG
YACGYSSFVMGQTIIYQETHCVAQGDEHCRIIGKPLSEWENADELIRFMSPDAVSDEIIALQAELNQLK
;
_entity_poly.pdbx_strand_id   A,B
#
loop_
_chem_comp.id
_chem_comp.type
_chem_comp.name
_chem_comp.formula
JZ0 non-polymer o-cresol 'C7 H8 O'
ZN non-polymer 'ZINC ION' 'Zn 2'
#
# COMPACT_ATOMS: atom_id res chain seq x y z
N GLN A 16 2.98 22.53 17.26
CA GLN A 16 3.82 21.49 16.62
C GLN A 16 2.98 20.30 16.19
N ASN A 17 3.50 19.10 16.44
CA ASN A 17 2.73 17.86 16.51
C ASN A 17 3.02 17.28 17.88
N LYS A 18 2.79 18.10 18.91
CA LYS A 18 3.23 17.80 20.26
C LYS A 18 2.75 16.41 20.66
N ASP A 19 1.57 16.03 20.18
CA ASP A 19 0.90 14.78 20.58
C ASP A 19 0.94 13.66 19.53
N ILE A 20 1.61 13.95 18.41
CA ILE A 20 1.83 13.04 17.28
C ILE A 20 3.25 12.55 17.41
N GLN A 21 4.11 13.43 17.88
CA GLN A 21 5.52 13.13 18.11
C GLN A 21 5.90 11.69 18.54
N ASP A 22 5.21 11.13 19.53
CA ASP A 22 5.60 9.81 20.05
C ASP A 22 5.47 8.71 18.99
N LEU A 23 4.45 8.86 18.15
CA LEU A 23 4.21 8.00 17.01
C LEU A 23 5.29 8.21 15.93
N LEU A 24 5.54 9.47 15.56
CA LEU A 24 6.57 9.82 14.60
C LEU A 24 7.90 9.20 14.96
N ASP A 25 8.17 9.09 16.27
CA ASP A 25 9.42 8.52 16.77
C ASP A 25 9.46 7.00 16.73
N LYS A 26 8.45 6.39 16.14
CA LYS A 26 8.49 4.95 15.92
C LYS A 26 8.68 4.64 14.43
N ILE A 27 8.59 5.69 13.61
CA ILE A 27 8.63 5.58 12.17
C ILE A 27 10.00 5.98 11.62
N VAL A 28 10.67 5.02 10.98
CA VAL A 28 12.04 5.18 10.44
C VAL A 28 12.11 5.11 8.90
N PHE A 29 12.54 6.19 8.26
CA PHE A 29 12.76 6.13 6.83
C PHE A 29 14.16 5.80 6.44
N ASP A 30 14.33 4.57 5.97
CA ASP A 30 15.62 4.07 5.56
C ASP A 30 15.69 3.95 4.03
N ALA A 31 15.74 5.10 3.36
CA ALA A 31 15.69 5.16 1.92
C ALA A 31 16.82 4.38 1.25
N GLN A 32 18.04 4.52 1.76
CA GLN A 32 19.17 3.92 1.08
C GLN A 32 19.09 2.40 1.11
N HIS A 33 18.28 1.87 2.02
CA HIS A 33 18.18 0.43 2.23
C HIS A 33 16.90 -0.21 1.81
N GLY A 34 15.98 0.59 1.28
CA GLY A 34 14.70 0.11 0.74
C GLY A 34 13.76 -0.26 1.86
N GLN A 35 13.94 0.35 3.02
CA GLN A 35 13.15 -0.01 4.21
C GLN A 35 12.42 1.18 4.82
N ILE A 36 11.19 0.95 5.24
CA ILE A 36 10.51 1.89 6.14
C ILE A 36 9.90 1.12 7.32
N TRP A 37 10.05 1.65 8.52
CA TRP A 37 9.65 0.92 9.71
C TRP A 37 8.70 1.68 10.57
N PHE A 38 7.71 0.97 11.11
CA PHE A 38 6.92 1.44 12.23
C PHE A 38 7.10 0.39 13.30
N ASP A 39 7.83 0.71 14.37
CA ASP A 39 8.20 -0.30 15.38
C ASP A 39 8.97 -1.42 14.68
N GLU A 40 8.48 -2.65 14.75
CA GLU A 40 9.11 -3.73 14.04
C GLU A 40 8.42 -4.06 12.71
N ASN A 41 7.58 -3.15 12.21
CA ASN A 41 6.73 -3.40 11.02
C ASN A 41 7.15 -2.63 9.79
N ARG A 42 7.32 -3.35 8.69
CA ARG A 42 7.67 -2.73 7.42
C ARG A 42 6.48 -2.00 6.76
N MET A 43 6.81 -0.91 6.08
CA MET A 43 5.80 -0.13 5.42
C MET A 43 6.16 0.32 4.02
N LEU A 44 5.13 0.58 3.22
CA LEU A 44 5.33 0.90 1.82
C LEU A 44 4.67 2.20 1.51
N LEU A 45 5.38 3.02 0.78
CA LEU A 45 4.81 4.23 0.25
C LEU A 45 4.10 3.95 -1.09
N MET A 46 2.81 4.17 -1.16
CA MET A 46 2.12 3.82 -2.40
C MET A 46 1.22 4.90 -2.91
N HIS A 47 1.11 4.98 -4.23
CA HIS A 47 0.16 5.88 -4.83
C HIS A 47 -1.23 5.49 -4.49
N THR A 48 -2.05 6.48 -4.15
CA THR A 48 -3.47 6.25 -3.95
C THR A 48 -4.11 5.81 -5.25
N SER A 49 -3.57 6.29 -6.36
CA SER A 49 -4.16 5.92 -7.63
C SER A 49 -3.94 4.41 -7.94
N ILE A 50 -2.88 3.81 -7.38
CA ILE A 50 -2.65 2.33 -7.48
C ILE A 50 -3.63 1.57 -6.62
N LEU A 51 -3.95 2.10 -5.44
CA LEU A 51 -5.04 1.51 -4.70
C LEU A 51 -6.31 1.47 -5.53
N GLY A 52 -6.60 2.56 -6.25
CA GLY A 52 -7.82 2.67 -7.07
C GLY A 52 -7.86 1.61 -8.16
N PHE A 53 -6.72 1.45 -8.80
CA PHE A 53 -6.53 0.42 -9.79
C PHE A 53 -6.77 -0.98 -9.16
N LEU A 54 -6.19 -1.21 -7.98
CA LEU A 54 -6.35 -2.47 -7.26
C LEU A 54 -7.82 -2.70 -6.98
N ARG A 55 -8.50 -1.63 -6.62
CA ARG A 55 -9.88 -1.76 -6.22
C ARG A 55 -10.71 -2.18 -7.42
N LYS A 56 -10.50 -1.48 -8.53
CA LYS A 56 -11.21 -1.76 -9.76
C LYS A 56 -10.93 -3.18 -10.21
N ASP A 57 -9.64 -3.54 -10.35
CA ASP A 57 -9.32 -4.88 -10.86
C ASP A 57 -9.93 -6.01 -10.00
N LEU A 58 -9.87 -5.86 -8.67
CA LEU A 58 -10.48 -6.81 -7.77
C LEU A 58 -11.97 -6.82 -8.00
N TYR A 59 -12.56 -5.65 -8.20
CA TYR A 59 -13.99 -5.57 -8.47
C TYR A 59 -14.28 -6.46 -9.65
N GLN A 60 -13.55 -6.21 -10.75
CA GLN A 60 -13.74 -6.92 -12.01
C GLN A 60 -13.47 -8.41 -12.01
N MET A 61 -12.66 -8.88 -11.05
CA MET A 61 -12.41 -10.31 -10.89
C MET A 61 -13.38 -11.04 -9.94
N LEU A 62 -13.75 -10.40 -8.83
CA LEU A 62 -14.49 -11.10 -7.78
C LEU A 62 -15.86 -10.51 -7.46
N GLY A 63 -16.11 -9.28 -7.89
CA GLY A 63 -17.38 -8.60 -7.62
C GLY A 63 -17.33 -7.63 -6.44
N LEU A 64 -18.43 -6.90 -6.22
CA LEU A 64 -18.53 -5.93 -5.13
C LEU A 64 -18.32 -6.62 -3.81
N GLU A 65 -19.11 -7.66 -3.53
CA GLU A 65 -19.11 -8.27 -2.18
C GLU A 65 -17.71 -8.67 -1.73
N ARG A 66 -17.03 -9.48 -2.54
CA ARG A 66 -15.66 -9.84 -2.21
C ARG A 66 -14.70 -8.68 -2.15
N THR A 67 -14.72 -7.78 -3.13
CA THR A 67 -13.82 -6.62 -3.06
C THR A 67 -13.98 -5.88 -1.76
N LYS A 68 -15.20 -5.45 -1.51
CA LYS A 68 -15.57 -4.81 -0.27
C LYS A 68 -15.07 -5.62 0.91
N ARG A 69 -15.33 -6.92 0.87
CA ARG A 69 -14.99 -7.82 1.96
C ARG A 69 -13.48 -7.82 2.20
N PHE A 70 -12.71 -7.80 1.13
CA PHE A 70 -11.28 -7.81 1.22
C PHE A 70 -10.74 -6.52 1.85
N PHE A 71 -11.23 -5.37 1.39
CA PHE A 71 -10.69 -4.11 1.81
C PHE A 71 -10.98 -3.87 3.25
N ILE A 72 -12.10 -4.39 3.71
CA ILE A 72 -12.46 -4.23 5.10
C ILE A 72 -11.60 -5.14 5.95
N ARG A 73 -11.45 -6.40 5.53
CA ARG A 73 -10.62 -7.37 6.28
C ARG A 73 -9.19 -6.83 6.42
N CYS A 74 -8.68 -6.23 5.34
CA CYS A 74 -7.40 -5.55 5.31
C CYS A 74 -7.27 -4.40 6.29
N GLY A 75 -8.28 -3.56 6.30
CA GLY A 75 -8.25 -2.41 7.15
C GLY A 75 -8.27 -2.92 8.56
N TYR A 76 -9.17 -3.88 8.80
CA TYR A 76 -9.24 -4.50 10.11
C TYR A 76 -7.84 -4.92 10.62
N GLN A 77 -7.15 -5.71 9.82
CA GLN A 77 -5.81 -6.18 10.17
C GLN A 77 -4.82 -5.03 10.47
N ALA A 78 -4.71 -4.04 9.59
CA ALA A 78 -3.78 -2.96 9.83
C ALA A 78 -4.15 -2.25 11.11
N GLY A 79 -5.46 -2.06 11.34
CA GLY A 79 -5.94 -1.34 12.51
C GLY A 79 -5.56 -2.08 13.76
N MET A 80 -5.80 -3.40 13.73
CA MET A 80 -5.32 -4.30 14.80
C MET A 80 -3.81 -4.25 15.02
N ARG A 81 -3.01 -4.34 13.97
CA ARG A 81 -1.60 -4.31 14.23
C ARG A 81 -1.16 -2.96 14.82
N ASP A 82 -1.69 -1.85 14.30
CA ASP A 82 -1.32 -0.54 14.84
C ASP A 82 -1.66 -0.46 16.31
N ALA A 83 -2.85 -0.94 16.68
CA ALA A 83 -3.28 -0.82 18.06
C ALA A 83 -2.38 -1.66 18.99
N GLU A 84 -1.85 -2.77 18.48
CA GLU A 84 -0.87 -3.56 19.22
C GLU A 84 0.37 -2.73 19.45
N VAL A 85 0.82 -2.09 18.39
CA VAL A 85 2.00 -1.26 18.44
C VAL A 85 1.82 -0.03 19.34
N THR A 86 0.65 0.60 19.32
CA THR A 86 0.49 1.87 20.07
C THR A 86 0.07 1.65 21.53
N SER A 87 -0.41 0.43 21.79
CA SER A 87 -0.74 -0.05 23.14
C SER A 87 0.49 -0.17 24.01
N LYS A 88 1.60 -0.60 23.41
CA LYS A 88 2.89 -0.63 24.12
C LYS A 88 3.20 0.78 24.70
N LEU A 89 3.04 1.83 23.91
CA LEU A 89 3.23 3.19 24.43
C LEU A 89 2.00 3.73 25.14
N ARG A 90 2.11 4.99 25.54
CA ARG A 90 1.03 5.79 26.14
C ARG A 90 0.43 5.51 27.54
N PRO A 91 0.98 4.54 28.33
CA PRO A 91 0.21 4.02 29.47
C PRO A 91 0.09 4.95 30.70
N ASN A 92 0.90 6.01 30.74
CA ASN A 92 0.78 7.09 31.76
C ASN A 92 -0.40 8.09 31.49
N LEU A 93 -1.01 7.97 30.30
CA LEU A 93 -2.18 8.77 29.88
C LEU A 93 -3.50 8.01 30.04
N ASN A 94 -4.62 8.73 30.02
CA ASN A 94 -5.91 8.04 30.17
C ASN A 94 -6.55 7.49 28.87
N GLU A 95 -7.44 6.52 29.00
CA GLU A 95 -7.93 5.74 27.85
C GLU A 95 -8.37 6.53 26.60
N ALA A 96 -8.76 7.80 26.74
CA ALA A 96 -9.07 8.60 25.56
C ALA A 96 -7.84 9.07 24.80
N GLU A 97 -6.94 9.79 25.46
CA GLU A 97 -5.70 10.33 24.88
C GLU A 97 -4.91 9.21 24.23
N ALA A 98 -5.01 8.02 24.83
CA ALA A 98 -4.40 6.83 24.34
C ALA A 98 -5.12 6.37 23.08
N PHE A 99 -6.46 6.26 23.14
CA PHE A 99 -7.24 5.73 22.02
C PHE A 99 -6.94 6.53 20.78
N MET A 100 -6.90 7.83 20.95
CA MET A 100 -6.58 8.77 19.90
C MET A 100 -5.35 8.41 19.03
N ALA A 101 -4.45 7.59 19.56
CA ALA A 101 -3.32 7.16 18.77
C ALA A 101 -3.80 6.59 17.44
N GLY A 102 -4.88 5.81 17.48
CA GLY A 102 -5.51 5.27 16.27
C GLY A 102 -5.89 6.27 15.19
N PRO A 103 -6.76 7.22 15.52
CA PRO A 103 -7.11 8.24 14.52
C PRO A 103 -5.92 9.07 14.10
N GLN A 104 -4.93 9.14 14.97
CA GLN A 104 -3.76 9.93 14.67
C GLN A 104 -2.89 9.22 13.63
N MET A 105 -2.75 7.91 13.82
CA MET A 105 -2.17 7.03 12.81
C MET A 105 -2.85 7.13 11.44
N HIS A 106 -4.17 7.10 11.40
CA HIS A 106 -4.82 7.23 10.14
C HIS A 106 -4.34 8.46 9.43
N GLY A 107 -3.94 9.47 10.21
CA GLY A 107 -3.54 10.77 9.63
C GLY A 107 -2.12 10.71 9.11
N ILE A 108 -1.20 10.25 9.96
CA ILE A 108 0.16 10.03 9.56
C ILE A 108 0.25 9.14 8.30
N ARG A 109 -0.62 8.12 8.23
CA ARG A 109 -0.58 7.21 7.11
C ARG A 109 -1.04 7.86 5.78
N GLY A 110 -1.45 9.12 5.87
CA GLY A 110 -1.99 9.83 4.72
C GLY A 110 -3.32 9.26 4.27
N MET A 111 -4.00 8.53 5.15
CA MET A 111 -5.29 7.97 4.78
C MET A 111 -6.47 8.90 4.94
N VAL A 112 -6.73 9.34 6.15
CA VAL A 112 -7.92 10.13 6.40
C VAL A 112 -7.62 11.11 7.54
N GLN A 113 -8.34 12.22 7.60
CA GLN A 113 -8.17 13.17 8.68
C GLN A 113 -9.30 13.00 9.67
N VAL A 114 -8.98 12.73 10.92
CA VAL A 114 -10.07 12.55 11.90
C VAL A 114 -10.40 13.78 12.77
N GLU A 115 -11.69 14.10 12.84
CA GLU A 115 -12.26 15.20 13.63
C GLU A 115 -13.27 14.54 14.59
N VAL A 116 -13.09 14.77 15.89
CA VAL A 116 -13.95 14.12 16.88
C VAL A 116 -15.18 14.97 17.20
N ASN A 117 -16.37 14.47 16.92
CA ASN A 117 -17.59 15.05 17.45
C ASN A 117 -17.83 14.58 18.90
N GLU A 118 -17.82 13.27 19.13
CA GLU A 118 -18.12 12.71 20.43
C GLU A 118 -17.36 11.43 20.64
N LEU A 119 -16.82 11.26 21.84
CA LEU A 119 -16.11 10.05 22.18
C LEU A 119 -16.34 9.70 23.64
N HIS A 120 -16.80 8.48 23.90
CA HIS A 120 -17.19 8.04 25.25
C HIS A 120 -16.72 6.64 25.28
N LEU A 121 -15.74 6.34 26.14
CA LEU A 121 -15.21 4.99 26.26
C LEU A 121 -14.77 4.61 27.65
N SER A 122 -14.99 3.35 28.00
CA SER A 122 -14.42 2.79 29.20
C SER A 122 -14.19 1.31 29.02
N HIS A 123 -12.91 0.93 28.93
CA HIS A 123 -12.57 -0.48 28.77
C HIS A 123 -13.35 -1.34 29.73
N ASP A 124 -13.22 -1.05 31.02
CA ASP A 124 -13.81 -1.87 32.08
C ASP A 124 -15.32 -1.85 32.08
N LEU A 125 -15.93 -0.77 31.58
CA LEU A 125 -17.39 -0.71 31.58
C LEU A 125 -17.96 -1.41 30.37
N LYS A 126 -17.10 -1.61 29.39
CA LYS A 126 -17.47 -2.22 28.13
C LYS A 126 -18.38 -1.29 27.38
N GLN A 127 -18.13 0.01 27.51
CA GLN A 127 -18.89 1.05 26.85
C GLN A 127 -17.98 1.82 25.92
N PHE A 128 -18.49 2.06 24.71
CA PHE A 128 -17.78 2.79 23.69
C PHE A 128 -18.82 3.46 22.78
N TYR A 129 -18.53 4.71 22.39
CA TYR A 129 -19.37 5.41 21.43
C TYR A 129 -18.52 6.45 20.74
N ALA A 130 -18.35 6.30 19.43
CA ALA A 130 -17.56 7.27 18.70
C ALA A 130 -18.39 7.84 17.59
N ASP A 131 -18.31 9.16 17.47
CA ASP A 131 -18.89 9.86 16.34
C ASP A 131 -17.79 10.77 15.79
N PHE A 132 -17.29 10.42 14.60
CA PHE A 132 -16.17 11.16 14.01
C PHE A 132 -16.51 11.66 12.60
N ASN A 133 -15.91 12.78 12.23
CA ASN A 133 -15.86 13.17 10.84
C ASN A 133 -14.55 12.67 10.23
N TRP A 134 -14.62 12.31 8.94
CA TRP A 134 -13.46 11.94 8.18
C TRP A 134 -13.24 12.98 7.09
N LEU A 135 -12.16 13.75 7.18
CA LEU A 135 -12.04 14.88 6.27
C LEU A 135 -11.44 14.64 4.90
N ASN A 136 -10.21 14.17 4.77
CA ASN A 136 -9.73 14.09 3.39
C ASN A 136 -9.46 12.67 2.93
N SER A 137 -10.52 11.87 2.90
CA SER A 137 -10.44 10.42 2.69
C SER A 137 -9.95 10.03 1.31
N PHE A 138 -8.78 9.41 1.27
CA PHE A 138 -8.25 8.93 0.00
C PHE A 138 -9.21 7.95 -0.70
N GLU A 139 -10.01 7.23 0.10
CA GLU A 139 -10.71 6.10 -0.44
C GLU A 139 -11.92 6.60 -1.24
N ALA A 140 -12.53 7.66 -0.72
CA ALA A 140 -13.62 8.30 -1.40
C ALA A 140 -13.08 8.89 -2.69
N GLU A 141 -11.93 9.55 -2.64
CA GLU A 141 -11.32 10.06 -3.86
C GLU A 141 -11.21 8.94 -4.89
N VAL A 142 -10.41 7.92 -4.60
CA VAL A 142 -10.12 6.93 -5.62
C VAL A 142 -11.38 6.20 -6.02
N HIS A 143 -12.36 6.11 -5.15
CA HIS A 143 -13.59 5.41 -5.56
C HIS A 143 -14.26 6.13 -6.68
N LEU A 144 -14.39 7.45 -6.53
CA LEU A 144 -15.01 8.32 -7.53
C LEU A 144 -14.28 8.16 -8.86
N SER A 145 -12.96 8.24 -8.82
CA SER A 145 -12.17 8.04 -10.04
C SER A 145 -12.57 6.80 -10.78
N GLU A 146 -12.70 5.71 -10.04
CA GLU A 146 -12.95 4.43 -10.67
C GLU A 146 -14.40 4.18 -11.01
N PHE A 147 -15.29 4.58 -10.13
CA PHE A 147 -16.68 4.12 -10.19
C PHE A 147 -17.70 5.20 -10.43
N GLY A 148 -17.28 6.45 -10.33
CA GLY A 148 -18.21 7.56 -10.34
C GLY A 148 -18.98 7.63 -9.03
N ALA A 149 -20.06 8.40 -8.99
CA ALA A 149 -20.77 8.63 -7.74
C ALA A 149 -21.29 7.28 -7.24
N SER A 150 -21.41 7.13 -5.93
CA SER A 150 -21.80 5.84 -5.39
C SER A 150 -23.18 5.86 -4.77
N ASP A 151 -23.84 4.72 -4.87
CA ASP A 151 -25.09 4.46 -4.19
C ASP A 151 -24.88 4.15 -2.70
N GLN A 152 -23.70 3.66 -2.34
CA GLN A 152 -23.40 3.39 -0.93
C GLN A 152 -22.11 4.10 -0.47
N PRO A 153 -21.83 4.11 0.87
CA PRO A 153 -20.58 4.71 1.30
C PRO A 153 -19.41 3.92 0.79
N ALA A 154 -18.24 4.52 0.67
CA ALA A 154 -17.13 3.87 -0.02
C ALA A 154 -15.88 3.54 0.81
N CYS A 155 -15.83 4.04 2.05
CA CYS A 155 -14.59 3.98 2.79
C CYS A 155 -14.32 2.64 3.53
N TRP A 156 -14.26 1.56 2.73
CA TRP A 156 -14.14 0.18 3.24
C TRP A 156 -12.96 -0.13 4.11
N MET A 157 -11.78 0.24 3.62
CA MET A 157 -10.53 -0.02 4.30
C MET A 157 -10.45 0.83 5.54
N LEU A 158 -10.84 2.09 5.42
CA LEU A 158 -10.78 3.01 6.57
C LEU A 158 -11.68 2.54 7.67
N LEU A 159 -12.82 1.96 7.28
CA LEU A 159 -13.81 1.47 8.23
C LEU A 159 -13.31 0.25 8.93
N GLY A 160 -12.72 -0.70 8.18
CA GLY A 160 -12.22 -1.93 8.77
C GLY A 160 -11.14 -1.59 9.76
N TYR A 161 -10.30 -0.63 9.40
CA TYR A 161 -9.24 -0.16 10.29
C TYR A 161 -9.86 0.45 11.54
N ALA A 162 -10.86 1.31 11.39
CA ALA A 162 -11.60 1.80 12.56
C ALA A 162 -12.05 0.66 13.47
N CYS A 163 -12.84 -0.29 12.94
CA CYS A 163 -13.28 -1.48 13.69
C CYS A 163 -12.13 -2.24 14.36
N GLY A 164 -11.06 -2.47 13.61
CA GLY A 164 -9.92 -3.25 14.08
C GLY A 164 -9.19 -2.58 15.20
N TYR A 165 -8.82 -1.32 15.01
CA TYR A 165 -8.08 -0.58 16.02
C TYR A 165 -8.87 -0.52 17.31
N SER A 166 -10.12 -0.10 17.21
CA SER A 166 -11.01 0.02 18.34
C SER A 166 -11.26 -1.29 19.05
N SER A 167 -11.54 -2.35 18.28
CA SER A 167 -11.82 -3.68 18.82
C SER A 167 -10.69 -4.16 19.67
N PHE A 168 -9.47 -4.07 19.14
CA PHE A 168 -8.29 -4.45 19.90
C PHE A 168 -8.19 -3.67 21.21
N VAL A 169 -8.38 -2.35 21.11
CA VAL A 169 -8.07 -1.41 22.18
C VAL A 169 -9.09 -1.50 23.29
N MET A 170 -10.33 -1.76 22.92
CA MET A 170 -11.29 -2.19 23.90
C MET A 170 -11.22 -3.71 23.91
N GLY A 171 -12.00 -4.38 24.71
CA GLY A 171 -11.79 -5.81 24.70
C GLY A 171 -12.73 -6.56 23.78
N GLN A 172 -13.34 -5.86 22.82
CA GLN A 172 -14.55 -6.37 22.18
C GLN A 172 -14.81 -5.77 20.81
N THR A 173 -15.68 -6.42 20.05
CA THR A 173 -15.92 -6.05 18.68
C THR A 173 -16.65 -4.74 18.69
N ILE A 174 -15.98 -3.66 18.33
CA ILE A 174 -16.65 -2.40 18.07
C ILE A 174 -16.82 -2.26 16.57
N ILE A 175 -18.01 -1.82 16.16
CA ILE A 175 -18.41 -1.86 14.77
C ILE A 175 -18.77 -0.42 14.40
N TYR A 176 -18.21 0.07 13.31
CA TYR A 176 -18.58 1.41 12.86
C TYR A 176 -19.52 1.35 11.67
N GLN A 177 -20.24 2.43 11.44
CA GLN A 177 -21.06 2.53 10.25
C GLN A 177 -20.79 3.88 9.58
N GLU A 178 -20.47 3.85 8.28
CA GLU A 178 -20.20 5.10 7.57
C GLU A 178 -21.54 5.70 7.24
N THR A 179 -21.77 6.88 7.81
CA THR A 179 -23.07 7.50 7.86
C THR A 179 -23.29 8.46 6.72
N HIS A 180 -22.23 9.14 6.30
CA HIS A 180 -22.20 10.03 5.17
C HIS A 180 -20.90 9.75 4.47
N CYS A 181 -20.90 9.75 3.14
CA CYS A 181 -19.65 9.51 2.43
C CYS A 181 -19.49 10.49 1.30
N VAL A 182 -18.33 11.12 1.23
CA VAL A 182 -18.00 12.02 0.14
C VAL A 182 -18.36 11.41 -1.20
N ALA A 183 -18.34 10.09 -1.29
CA ALA A 183 -18.59 9.44 -2.57
C ALA A 183 -20.06 9.33 -2.93
N GLN A 184 -20.93 9.59 -1.97
CA GLN A 184 -22.36 9.64 -2.20
C GLN A 184 -22.78 11.09 -2.44
N GLY A 185 -21.84 12.03 -2.29
CA GLY A 185 -22.05 13.41 -2.68
C GLY A 185 -22.09 14.26 -1.43
N ASP A 186 -21.86 13.63 -0.28
CA ASP A 186 -21.85 14.33 0.98
C ASP A 186 -20.64 15.24 1.10
N GLU A 187 -20.67 16.18 2.04
CA GLU A 187 -19.65 17.23 2.07
C GLU A 187 -18.36 16.68 2.63
N HIS A 188 -18.52 15.78 3.58
CA HIS A 188 -17.42 15.02 4.19
C HIS A 188 -17.99 13.69 4.61
N CYS A 189 -17.11 12.77 4.97
CA CYS A 189 -17.49 11.42 5.40
C CYS A 189 -17.68 11.47 6.92
N ARG A 190 -18.66 10.72 7.47
CA ARG A 190 -18.78 10.65 8.92
C ARG A 190 -19.14 9.26 9.45
N ILE A 191 -18.65 8.93 10.66
CA ILE A 191 -18.85 7.60 11.22
C ILE A 191 -19.37 7.60 12.67
N ILE A 192 -19.92 6.46 13.06
CA ILE A 192 -20.41 6.21 14.41
C ILE A 192 -19.92 4.83 14.80
N GLY A 193 -19.30 4.70 15.97
CA GLY A 193 -18.91 3.41 16.49
C GLY A 193 -19.59 3.08 17.81
N LYS A 194 -20.17 1.88 17.87
CA LYS A 194 -20.81 1.35 19.07
C LYS A 194 -20.36 -0.09 19.19
N PRO A 195 -20.53 -0.71 20.39
CA PRO A 195 -20.27 -2.16 20.43
C PRO A 195 -21.31 -2.95 19.64
N LEU A 196 -20.88 -4.08 19.11
CA LEU A 196 -21.72 -4.96 18.29
C LEU A 196 -23.15 -5.03 18.84
N SER A 197 -23.27 -5.28 20.14
CA SER A 197 -24.57 -5.38 20.81
C SER A 197 -25.51 -4.18 20.70
N GLU A 198 -24.97 -2.95 20.75
CA GLU A 198 -25.83 -1.77 20.67
C GLU A 198 -26.44 -1.58 19.27
N TRP A 199 -26.21 -2.53 18.38
CA TRP A 199 -26.70 -2.36 17.01
C TRP A 199 -28.05 -3.02 16.71
N GLU A 200 -29.12 -2.21 16.82
CA GLU A 200 -30.55 -2.56 16.56
C GLU A 200 -30.85 -4.00 16.13
N PHE A 208 -18.66 -12.92 16.70
CA PHE A 208 -17.93 -12.01 17.57
C PHE A 208 -16.51 -11.80 17.04
N MET A 209 -15.51 -12.23 17.81
CA MET A 209 -14.08 -11.96 17.53
C MET A 209 -13.49 -12.31 16.14
N SER A 210 -14.05 -13.32 15.45
CA SER A 210 -13.59 -13.75 14.09
C SER A 210 -13.43 -12.56 13.13
N PRO A 211 -12.19 -12.26 12.70
CA PRO A 211 -11.92 -11.07 11.86
C PRO A 211 -12.69 -11.06 10.52
N ASP A 212 -12.96 -12.25 10.00
CA ASP A 212 -13.77 -12.41 8.79
C ASP A 212 -15.29 -12.37 9.09
N ALA A 213 -15.70 -12.73 10.30
CA ALA A 213 -17.08 -12.45 10.76
C ALA A 213 -17.36 -10.96 11.01
N VAL A 214 -16.35 -10.21 11.45
CA VAL A 214 -16.55 -8.78 11.71
C VAL A 214 -16.97 -8.08 10.42
N SER A 215 -16.27 -8.40 9.35
CA SER A 215 -16.56 -7.88 8.00
C SER A 215 -17.98 -8.22 7.56
N ASP A 216 -18.37 -9.48 7.73
CA ASP A 216 -19.74 -9.87 7.47
C ASP A 216 -20.72 -9.05 8.29
N GLU A 217 -20.48 -8.91 9.60
CA GLU A 217 -21.36 -8.11 10.46
C GLU A 217 -21.49 -6.64 9.98
N ILE A 218 -20.39 -6.03 9.53
CA ILE A 218 -20.40 -4.66 8.99
C ILE A 218 -21.28 -4.51 7.73
N ILE A 219 -21.08 -5.40 6.75
CA ILE A 219 -21.89 -5.44 5.52
C ILE A 219 -23.37 -5.76 5.81
N ALA A 220 -23.63 -6.84 6.55
CA ALA A 220 -24.99 -7.22 6.95
C ALA A 220 -25.72 -6.04 7.57
N LEU A 221 -25.04 -5.31 8.45
CA LEU A 221 -25.58 -4.10 9.07
C LEU A 221 -25.93 -2.95 8.10
N GLN A 222 -25.00 -2.60 7.23
CA GLN A 222 -25.14 -1.46 6.30
C GLN A 222 -26.34 -1.62 5.35
N ALA A 223 -26.84 -2.85 5.24
CA ALA A 223 -28.06 -3.14 4.46
C ALA A 223 -29.31 -3.39 5.34
N GLU A 224 -29.13 -3.43 6.66
CA GLU A 224 -30.25 -3.37 7.59
C GLU A 224 -30.37 -1.96 8.20
N LEU A 225 -30.07 -0.92 7.40
CA LEU A 225 -30.25 0.47 7.83
C LEU A 225 -30.75 1.40 6.72
N GLU B 15 22.95 13.61 6.93
CA GLU B 15 23.64 14.27 5.85
C GLU B 15 23.16 13.75 4.51
N GLN B 16 24.08 13.35 3.66
CA GLN B 16 23.73 13.02 2.31
C GLN B 16 24.58 11.87 1.84
N ASN B 17 24.03 10.93 1.07
CA ASN B 17 22.62 10.86 0.71
C ASN B 17 22.13 11.90 -0.31
N LYS B 18 23.07 12.59 -0.95
CA LYS B 18 22.79 13.67 -1.90
C LYS B 18 22.22 13.17 -3.23
N ASP B 19 22.40 11.89 -3.49
CA ASP B 19 22.00 11.30 -4.77
C ASP B 19 20.48 11.33 -5.04
N ILE B 20 19.68 11.12 -4.00
CA ILE B 20 18.20 11.00 -4.18
C ILE B 20 17.44 12.23 -3.65
N GLN B 21 18.19 13.27 -3.28
CA GLN B 21 17.62 14.45 -2.68
C GLN B 21 16.59 15.19 -3.53
N ASP B 22 16.66 15.07 -4.85
CA ASP B 22 15.62 15.74 -5.66
C ASP B 22 14.31 14.94 -5.65
N LEU B 23 14.40 13.68 -5.25
CA LEU B 23 13.22 12.86 -5.04
C LEU B 23 12.53 13.18 -3.72
N LEU B 24 13.30 13.20 -2.63
CA LEU B 24 12.75 13.47 -1.31
C LEU B 24 12.11 14.84 -1.28
N ASP B 25 12.82 15.82 -1.84
CA ASP B 25 12.33 17.19 -1.90
C ASP B 25 10.87 17.17 -2.28
N LYS B 26 10.54 16.30 -3.23
CA LYS B 26 9.19 16.21 -3.81
C LYS B 26 8.12 15.57 -2.89
N ILE B 27 8.50 15.14 -1.70
CA ILE B 27 7.59 14.36 -0.81
C ILE B 27 7.20 15.05 0.50
N VAL B 28 5.92 15.38 0.63
CA VAL B 28 5.45 16.21 1.77
C VAL B 28 4.52 15.42 2.69
N PHE B 29 4.78 15.50 3.99
CA PHE B 29 4.02 14.75 5.01
C PHE B 29 3.04 15.55 5.88
N ASP B 30 1.80 15.77 5.43
CA ASP B 30 0.83 16.58 6.21
C ASP B 30 -0.15 15.76 7.07
N ALA B 31 0.31 15.33 8.24
CA ALA B 31 -0.42 14.42 9.11
C ALA B 31 -1.67 15.01 9.73
N GLN B 32 -1.64 16.26 10.11
CA GLN B 32 -2.81 16.83 10.74
C GLN B 32 -3.99 16.83 9.75
N HIS B 33 -3.67 16.81 8.45
CA HIS B 33 -4.68 16.88 7.37
C HIS B 33 -5.04 15.59 6.68
N GLY B 34 -4.39 14.50 7.07
CA GLY B 34 -4.59 13.16 6.54
C GLY B 34 -3.92 12.95 5.19
N GLN B 35 -2.84 13.68 4.93
CA GLN B 35 -2.26 13.66 3.59
C GLN B 35 -0.77 13.44 3.47
N ILE B 36 -0.40 12.92 2.29
CA ILE B 36 0.98 12.73 1.89
C ILE B 36 1.09 12.94 0.40
N TRP B 37 2.08 13.73 -0.01
CA TRP B 37 2.27 14.05 -1.43
C TRP B 37 3.59 13.69 -2.02
N PHE B 38 3.55 13.08 -3.20
CA PHE B 38 4.70 12.98 -4.06
C PHE B 38 4.42 13.96 -5.19
N ASP B 39 4.94 15.18 -5.04
CA ASP B 39 4.55 16.29 -5.91
C ASP B 39 3.05 16.45 -5.96
N GLU B 40 2.49 16.40 -7.17
CA GLU B 40 1.05 16.48 -7.39
C GLU B 40 0.32 15.25 -6.83
N ASN B 41 0.96 14.09 -6.95
CA ASN B 41 0.34 12.81 -6.57
C ASN B 41 0.24 12.51 -5.08
N ARG B 42 -0.92 12.02 -4.71
CA ARG B 42 -1.21 11.70 -3.33
C ARG B 42 -0.83 10.28 -3.01
N MET B 43 -0.32 10.08 -1.79
CA MET B 43 0.23 8.80 -1.45
C MET B 43 -0.05 8.33 -0.04
N LEU B 44 0.05 7.00 0.15
CA LEU B 44 -0.27 6.32 1.40
C LEU B 44 0.90 5.57 1.96
N LEU B 45 0.95 5.53 3.27
CA LEU B 45 1.90 4.71 3.99
C LEU B 45 1.12 3.51 4.51
N MET B 46 1.54 2.31 4.10
CA MET B 46 0.72 1.08 4.27
C MET B 46 1.45 -0.07 4.92
N HIS B 47 0.68 -0.94 5.58
CA HIS B 47 1.20 -2.20 6.08
C HIS B 47 1.41 -3.12 4.94
N THR B 48 2.48 -3.90 4.98
CA THR B 48 2.72 -4.90 3.92
C THR B 48 1.72 -6.05 4.02
N SER B 49 0.99 -6.08 5.13
CA SER B 49 -0.09 -7.03 5.41
C SER B 49 -1.14 -7.06 4.33
N ILE B 50 -1.38 -5.91 3.71
CA ILE B 50 -2.52 -5.83 2.84
C ILE B 50 -2.16 -6.40 1.47
N LEU B 51 -0.86 -6.51 1.23
CA LEU B 51 -0.38 -7.23 0.08
C LEU B 51 -0.24 -8.72 0.43
N GLY B 52 0.07 -9.00 1.69
CA GLY B 52 0.14 -10.35 2.18
C GLY B 52 -1.22 -10.99 2.03
N PHE B 53 -2.24 -10.21 2.36
CA PHE B 53 -3.60 -10.72 2.37
C PHE B 53 -4.08 -10.94 0.96
N LEU B 54 -3.92 -9.91 0.14
CA LEU B 54 -4.24 -10.01 -1.25
C LEU B 54 -3.61 -11.28 -1.80
N ARG B 55 -2.37 -11.54 -1.41
CA ARG B 55 -1.64 -12.72 -1.91
C ARG B 55 -2.26 -14.05 -1.46
N LYS B 56 -2.56 -14.19 -0.16
CA LYS B 56 -3.21 -15.38 0.33
C LYS B 56 -4.55 -15.54 -0.35
N ASP B 57 -5.32 -14.45 -0.41
CA ASP B 57 -6.68 -14.54 -0.89
C ASP B 57 -6.68 -15.06 -2.32
N LEU B 58 -6.02 -14.29 -3.20
CA LEU B 58 -5.99 -14.56 -4.60
C LEU B 58 -5.41 -15.90 -4.84
N TYR B 59 -4.36 -16.25 -4.11
CA TYR B 59 -3.78 -17.56 -4.31
C TYR B 59 -4.84 -18.65 -4.23
N GLN B 60 -5.86 -18.47 -3.42
CA GLN B 60 -6.79 -19.57 -3.27
C GLN B 60 -8.08 -19.40 -4.08
N MET B 61 -8.48 -18.15 -4.28
CA MET B 61 -9.56 -17.84 -5.18
C MET B 61 -9.18 -18.14 -6.63
N LEU B 62 -8.03 -17.66 -7.08
CA LEU B 62 -7.52 -18.01 -8.41
C LEU B 62 -6.35 -18.87 -8.05
N GLY B 63 -5.60 -19.41 -8.99
CA GLY B 63 -4.46 -20.19 -8.54
C GLY B 63 -3.22 -19.32 -8.44
N LEU B 64 -2.06 -19.95 -8.51
CA LEU B 64 -0.80 -19.24 -8.55
C LEU B 64 -0.65 -18.38 -9.82
N GLU B 65 -0.87 -18.99 -10.99
CA GLU B 65 -0.59 -18.30 -12.26
C GLU B 65 -1.29 -16.95 -12.34
N ARG B 66 -2.58 -16.95 -12.05
CA ARG B 66 -3.37 -15.74 -12.06
C ARG B 66 -2.96 -14.78 -10.92
N THR B 67 -2.65 -15.34 -9.76
CA THR B 67 -2.13 -14.49 -8.67
C THR B 67 -0.84 -13.78 -9.08
N LYS B 68 0.10 -14.53 -9.66
CA LYS B 68 1.35 -13.99 -10.18
C LYS B 68 1.09 -12.85 -11.17
N ARG B 69 0.24 -13.11 -12.18
CA ARG B 69 -0.04 -12.08 -13.18
C ARG B 69 -0.55 -10.82 -12.55
N PHE B 70 -1.51 -10.97 -11.65
CA PHE B 70 -2.12 -9.81 -11.06
C PHE B 70 -1.06 -8.90 -10.46
N PHE B 71 -0.10 -9.50 -9.75
CA PHE B 71 0.90 -8.75 -9.03
C PHE B 71 1.96 -8.11 -9.91
N ILE B 72 2.26 -8.73 -11.05
CA ILE B 72 3.12 -8.10 -12.03
C ILE B 72 2.35 -6.88 -12.53
N ARG B 73 1.06 -7.06 -12.78
CA ARG B 73 0.23 -5.98 -13.30
C ARG B 73 0.30 -4.76 -12.37
N CYS B 74 0.12 -5.01 -11.08
N CYS B 74 0.07 -5.02 -11.09
CA CYS B 74 0.13 -3.92 -10.12
CA CYS B 74 0.17 -3.96 -10.09
C CYS B 74 1.51 -3.24 -9.95
C CYS B 74 1.50 -3.25 -10.15
N GLY B 75 2.58 -4.03 -10.07
CA GLY B 75 3.93 -3.49 -10.09
C GLY B 75 4.12 -2.64 -11.34
N TYR B 76 3.74 -3.22 -12.47
CA TYR B 76 3.77 -2.52 -13.73
C TYR B 76 3.13 -1.12 -13.68
N GLN B 77 1.92 -1.01 -13.14
CA GLN B 77 1.22 0.28 -13.13
C GLN B 77 1.90 1.26 -12.19
N ALA B 78 2.28 0.80 -11.01
CA ALA B 78 3.12 1.60 -10.15
C ALA B 78 4.34 2.10 -10.89
N GLY B 79 5.04 1.20 -11.59
CA GLY B 79 6.29 1.54 -12.29
C GLY B 79 6.07 2.65 -13.30
N MET B 80 5.12 2.41 -14.20
CA MET B 80 4.71 3.38 -15.19
C MET B 80 4.42 4.71 -14.52
N ARG B 81 3.70 4.67 -13.41
CA ARG B 81 3.35 5.90 -12.73
C ARG B 81 4.58 6.63 -12.22
N ASP B 82 5.51 5.95 -11.58
CA ASP B 82 6.70 6.64 -11.09
C ASP B 82 7.51 7.25 -12.22
N ALA B 83 7.55 6.54 -13.34
CA ALA B 83 8.30 6.98 -14.51
C ALA B 83 7.68 8.23 -15.10
N GLU B 84 6.35 8.28 -15.12
CA GLU B 84 5.63 9.44 -15.57
C GLU B 84 6.02 10.62 -14.69
N VAL B 85 5.92 10.44 -13.39
CA VAL B 85 6.13 11.51 -12.46
C VAL B 85 7.57 11.96 -12.36
N THR B 86 8.51 11.14 -12.84
CA THR B 86 9.90 11.58 -12.73
C THR B 86 10.57 11.94 -14.04
N SER B 87 9.84 11.81 -15.14
CA SER B 87 10.51 11.79 -16.41
C SER B 87 11.03 13.12 -16.92
N LYS B 88 10.38 14.22 -16.57
CA LYS B 88 10.94 15.55 -16.91
C LYS B 88 12.12 15.94 -15.97
N LEU B 89 12.30 15.18 -14.89
CA LEU B 89 13.04 15.63 -13.69
C LEU B 89 14.55 15.76 -13.72
N ARG B 90 15.27 15.04 -14.57
CA ARG B 90 16.74 15.11 -14.55
C ARG B 90 17.28 15.32 -15.97
N PRO B 91 17.28 16.58 -16.44
CA PRO B 91 17.68 16.90 -17.80
C PRO B 91 19.19 17.19 -17.93
N ASN B 92 19.78 17.76 -16.89
CA ASN B 92 21.22 18.04 -16.89
C ASN B 92 22.07 16.83 -16.46
N LEU B 93 21.49 15.64 -16.58
CA LEU B 93 22.16 14.39 -16.28
C LEU B 93 21.94 13.45 -17.46
N ASN B 94 22.80 12.44 -17.57
CA ASN B 94 22.76 11.53 -18.71
C ASN B 94 21.69 10.50 -18.49
N GLU B 95 21.34 9.81 -19.58
CA GLU B 95 20.31 8.81 -19.56
C GLU B 95 20.32 7.89 -18.32
N ALA B 96 21.52 7.47 -17.87
CA ALA B 96 21.58 6.48 -16.78
C ALA B 96 21.37 7.08 -15.39
N GLU B 97 21.86 8.29 -15.15
CA GLU B 97 21.71 8.89 -13.84
C GLU B 97 20.25 9.23 -13.67
N ALA B 98 19.62 9.55 -14.80
CA ALA B 98 18.19 9.73 -14.90
C ALA B 98 17.44 8.44 -14.55
N PHE B 99 17.68 7.38 -15.33
CA PHE B 99 16.99 6.13 -15.19
C PHE B 99 16.90 5.69 -13.75
N MET B 100 18.01 5.80 -13.08
CA MET B 100 18.11 5.36 -11.73
C MET B 100 17.09 5.93 -10.82
N ALA B 101 16.40 6.96 -11.27
CA ALA B 101 15.21 7.42 -10.61
C ALA B 101 14.31 6.23 -10.15
N GLY B 102 14.12 5.27 -11.05
CA GLY B 102 13.30 4.13 -10.73
C GLY B 102 13.86 3.34 -9.57
N PRO B 103 15.06 2.78 -9.73
CA PRO B 103 15.64 2.04 -8.61
C PRO B 103 15.60 2.81 -7.29
N GLN B 104 15.70 4.12 -7.37
CA GLN B 104 15.78 4.92 -6.18
C GLN B 104 14.44 5.04 -5.47
N MET B 105 13.37 5.13 -6.24
CA MET B 105 12.04 5.29 -5.66
C MET B 105 11.63 4.01 -5.00
N HIS B 106 11.90 2.91 -5.70
CA HIS B 106 11.75 1.59 -5.11
C HIS B 106 12.35 1.53 -3.74
N GLY B 107 13.46 2.25 -3.56
CA GLY B 107 14.10 2.32 -2.25
C GLY B 107 13.34 3.24 -1.34
N ILE B 108 13.04 4.42 -1.81
CA ILE B 108 12.35 5.41 -1.02
C ILE B 108 11.02 4.83 -0.58
N ARG B 109 10.34 4.14 -1.47
CA ARG B 109 9.04 3.62 -1.11
C ARG B 109 9.12 2.43 -0.14
N GLY B 110 10.33 2.00 0.18
CA GLY B 110 10.55 1.00 1.19
C GLY B 110 10.24 -0.36 0.64
N MET B 111 10.53 -0.55 -0.63
CA MET B 111 10.18 -1.82 -1.23
C MET B 111 11.35 -2.78 -1.42
N VAL B 112 12.46 -2.24 -1.90
CA VAL B 112 13.62 -3.04 -2.14
C VAL B 112 14.80 -2.08 -2.35
N GLN B 113 15.98 -2.58 -2.00
CA GLN B 113 17.19 -1.85 -2.23
C GLN B 113 17.89 -2.29 -3.51
N VAL B 114 18.19 -1.34 -4.39
CA VAL B 114 18.78 -1.68 -5.68
C VAL B 114 20.27 -1.40 -5.69
N GLU B 115 21.05 -2.46 -5.91
CA GLU B 115 22.50 -2.36 -5.97
C GLU B 115 22.85 -2.68 -7.40
N VAL B 116 23.44 -1.72 -8.08
CA VAL B 116 23.74 -1.87 -9.51
C VAL B 116 24.97 -2.76 -9.75
N ASN B 117 24.76 -3.90 -10.37
CA ASN B 117 25.88 -4.74 -10.81
C ASN B 117 26.41 -4.25 -12.16
N GLU B 118 25.49 -4.08 -13.10
CA GLU B 118 25.73 -3.51 -14.40
C GLU B 118 24.48 -2.75 -14.76
N LEU B 119 24.69 -1.59 -15.40
CA LEU B 119 23.67 -0.85 -16.06
C LEU B 119 24.21 0.01 -17.23
N HIS B 120 23.77 -0.30 -18.45
CA HIS B 120 24.07 0.49 -19.65
CA HIS B 120 24.02 0.58 -19.58
C HIS B 120 22.82 0.66 -20.45
N LEU B 121 22.60 1.88 -20.96
CA LEU B 121 21.40 2.19 -21.73
C LEU B 121 21.55 3.40 -22.67
N SER B 122 21.01 3.29 -23.88
CA SER B 122 20.89 4.42 -24.79
C SER B 122 19.50 4.42 -25.48
N HIS B 123 18.73 5.49 -25.25
CA HIS B 123 17.36 5.53 -25.76
C HIS B 123 17.34 5.45 -27.27
N ASP B 124 17.98 6.40 -27.93
CA ASP B 124 18.12 6.41 -29.40
C ASP B 124 18.79 5.16 -29.95
N LEU B 125 19.83 4.65 -29.31
CA LEU B 125 20.41 3.42 -29.82
C LEU B 125 19.51 2.21 -29.55
N LYS B 126 18.46 2.43 -28.75
CA LYS B 126 17.50 1.37 -28.42
C LYS B 126 18.21 0.20 -27.75
N GLN B 127 19.13 0.48 -26.82
CA GLN B 127 19.85 -0.58 -26.12
C GLN B 127 19.65 -0.48 -24.60
N PHE B 128 19.70 -1.64 -23.93
CA PHE B 128 19.44 -1.70 -22.50
C PHE B 128 19.96 -3.01 -21.94
N TYR B 129 20.77 -2.88 -20.90
CA TYR B 129 21.19 -3.97 -20.09
C TYR B 129 21.32 -3.51 -18.65
N ALA B 130 20.46 -4.06 -17.79
CA ALA B 130 20.50 -3.88 -16.35
C ALA B 130 20.72 -5.21 -15.64
N ASP B 131 21.65 -5.24 -14.70
CA ASP B 131 21.85 -6.40 -13.84
C ASP B 131 21.90 -5.81 -12.44
N PHE B 132 20.91 -6.12 -11.61
CA PHE B 132 20.80 -5.49 -10.28
C PHE B 132 20.64 -6.49 -9.16
N ASN B 133 21.32 -6.24 -8.06
CA ASN B 133 21.01 -6.99 -6.86
C ASN B 133 19.82 -6.29 -6.22
N TRP B 134 18.96 -7.09 -5.60
CA TRP B 134 17.81 -6.62 -4.87
C TRP B 134 17.94 -6.99 -3.40
N LEU B 135 18.13 -6.00 -2.57
CA LEU B 135 18.38 -6.26 -1.14
C LEU B 135 17.16 -5.97 -0.23
N ASN B 136 16.94 -6.84 0.76
CA ASN B 136 15.74 -6.83 1.64
C ASN B 136 14.42 -6.54 0.95
N SER B 137 14.14 -7.31 -0.11
CA SER B 137 12.88 -7.22 -0.81
C SER B 137 11.73 -7.41 0.16
N PHE B 138 10.82 -6.44 0.21
CA PHE B 138 9.67 -6.54 1.11
C PHE B 138 8.79 -7.72 0.71
N GLU B 139 8.81 -8.06 -0.56
CA GLU B 139 7.88 -9.03 -1.15
C GLU B 139 8.31 -10.42 -0.80
N ALA B 140 9.62 -10.61 -0.78
CA ALA B 140 10.25 -11.88 -0.46
C ALA B 140 9.94 -12.29 0.98
N GLU B 141 10.05 -11.34 1.91
CA GLU B 141 9.56 -11.48 3.29
C GLU B 141 8.13 -11.94 3.32
N VAL B 142 7.27 -11.20 2.62
CA VAL B 142 5.86 -11.46 2.62
C VAL B 142 5.49 -12.83 2.03
N HIS B 143 6.21 -13.25 1.00
CA HIS B 143 5.92 -14.52 0.36
C HIS B 143 6.22 -15.66 1.30
N LEU B 144 7.33 -15.50 2.03
CA LEU B 144 7.83 -16.53 2.93
C LEU B 144 6.91 -16.67 4.11
N SER B 145 6.45 -15.55 4.66
CA SER B 145 5.54 -15.60 5.81
C SER B 145 4.08 -15.89 5.45
N GLU B 146 3.84 -16.41 4.24
CA GLU B 146 2.52 -16.93 3.88
C GLU B 146 2.65 -18.27 3.15
N PHE B 147 3.71 -18.45 2.36
CA PHE B 147 3.82 -19.69 1.59
C PHE B 147 5.02 -20.57 1.93
N GLY B 148 6.00 -19.99 2.64
CA GLY B 148 7.33 -20.59 2.83
C GLY B 148 8.14 -20.75 1.54
N ALA B 149 9.19 -21.55 1.58
CA ALA B 149 10.16 -21.63 0.49
C ALA B 149 9.49 -21.91 -0.84
N SER B 150 9.80 -21.11 -1.86
CA SER B 150 9.19 -21.25 -3.18
C SER B 150 10.03 -22.12 -4.12
N ASP B 151 9.40 -22.79 -5.09
CA ASP B 151 10.21 -23.48 -6.11
C ASP B 151 10.76 -22.52 -7.17
N GLN B 152 10.33 -21.25 -7.12
CA GLN B 152 10.75 -20.21 -8.08
C GLN B 152 10.78 -18.77 -7.48
N PRO B 153 11.40 -17.78 -8.19
CA PRO B 153 11.43 -16.44 -7.63
C PRO B 153 10.04 -15.85 -7.48
N ALA B 154 9.86 -15.06 -6.44
CA ALA B 154 8.55 -14.63 -5.98
C ALA B 154 8.35 -13.11 -5.90
N CYS B 155 9.37 -12.32 -6.26
CA CYS B 155 9.19 -10.87 -6.23
C CYS B 155 8.46 -10.31 -7.47
N TRP B 156 7.24 -10.81 -7.68
CA TRP B 156 6.32 -10.45 -8.75
C TRP B 156 5.99 -9.00 -8.88
N MET B 157 5.70 -8.34 -7.77
CA MET B 157 5.36 -6.94 -7.81
C MET B 157 6.58 -6.09 -8.10
N LEU B 158 7.75 -6.55 -7.69
CA LEU B 158 8.95 -5.78 -7.90
C LEU B 158 9.42 -5.96 -9.32
N LEU B 159 9.25 -7.17 -9.85
CA LEU B 159 9.54 -7.43 -11.25
C LEU B 159 8.66 -6.58 -12.20
N GLY B 160 7.37 -6.48 -11.89
CA GLY B 160 6.45 -5.68 -12.70
C GLY B 160 6.91 -4.24 -12.72
N TYR B 161 7.15 -3.70 -11.54
CA TYR B 161 7.56 -2.30 -11.42
C TYR B 161 8.79 -2.07 -12.29
N ALA B 162 9.77 -2.97 -12.18
CA ALA B 162 10.99 -2.88 -12.96
C ALA B 162 10.61 -2.81 -14.41
N CYS B 163 9.80 -3.78 -14.83
CA CYS B 163 9.45 -3.89 -16.24
C CYS B 163 8.66 -2.65 -16.69
N GLY B 164 7.61 -2.32 -15.94
CA GLY B 164 6.85 -1.07 -16.14
C GLY B 164 7.68 0.19 -16.18
N TYR B 165 8.47 0.42 -15.14
CA TYR B 165 9.26 1.65 -15.08
C TYR B 165 10.18 1.80 -16.28
N SER B 166 11.02 0.80 -16.50
CA SER B 166 12.01 0.79 -17.59
C SER B 166 11.32 0.94 -18.93
N SER B 167 10.27 0.17 -19.16
CA SER B 167 9.60 0.20 -20.46
C SER B 167 9.20 1.61 -20.84
N PHE B 168 8.72 2.37 -19.88
CA PHE B 168 8.37 3.77 -20.12
C PHE B 168 9.60 4.60 -20.45
N VAL B 169 10.59 4.57 -19.58
CA VAL B 169 11.77 5.37 -19.79
C VAL B 169 12.46 5.03 -21.11
N MET B 170 12.37 3.79 -21.57
CA MET B 170 13.08 3.39 -22.79
C MET B 170 12.22 3.50 -24.02
N GLY B 171 10.97 3.90 -23.84
CA GLY B 171 10.01 4.01 -24.92
C GLY B 171 9.82 2.71 -25.69
N GLN B 172 10.25 1.59 -25.11
CA GLN B 172 10.05 0.29 -25.73
C GLN B 172 10.01 -0.76 -24.65
N THR B 173 9.58 -1.96 -25.01
CA THR B 173 9.33 -3.02 -24.06
C THR B 173 10.63 -3.58 -23.52
N ILE B 174 10.70 -3.62 -22.20
CA ILE B 174 11.88 -4.04 -21.46
C ILE B 174 11.43 -5.03 -20.40
N ILE B 175 11.95 -6.25 -20.53
CA ILE B 175 11.59 -7.39 -19.72
C ILE B 175 12.74 -7.75 -18.82
N TYR B 176 12.42 -8.06 -17.56
CA TYR B 176 13.37 -8.50 -16.54
C TYR B 176 13.14 -9.96 -16.13
N GLN B 177 14.22 -10.65 -15.72
CA GLN B 177 14.09 -11.98 -15.11
C GLN B 177 14.82 -12.05 -13.78
N GLU B 178 14.12 -12.43 -12.71
CA GLU B 178 14.71 -12.56 -11.41
C GLU B 178 15.41 -13.90 -11.47
N THR B 179 16.73 -13.84 -11.39
CA THR B 179 17.54 -15.03 -11.55
C THR B 179 17.89 -15.61 -10.20
N HIS B 180 17.92 -14.75 -9.18
CA HIS B 180 18.02 -15.24 -7.81
C HIS B 180 17.00 -14.60 -6.92
N CYS B 181 16.49 -15.36 -5.97
CA CYS B 181 15.51 -14.83 -5.07
C CYS B 181 15.66 -15.34 -3.64
N VAL B 182 15.61 -14.41 -2.70
CA VAL B 182 15.63 -14.77 -1.30
C VAL B 182 14.54 -15.80 -1.02
N ALA B 183 13.48 -15.80 -1.81
CA ALA B 183 12.35 -16.70 -1.56
C ALA B 183 12.65 -18.16 -1.89
N GLN B 184 13.69 -18.38 -2.69
CA GLN B 184 14.19 -19.74 -3.00
C GLN B 184 15.38 -20.13 -2.12
N GLY B 185 15.65 -19.34 -1.09
CA GLY B 185 16.83 -19.52 -0.27
C GLY B 185 18.18 -19.06 -0.84
N ASP B 186 18.19 -18.22 -1.88
CA ASP B 186 19.42 -17.48 -2.28
C ASP B 186 19.68 -16.38 -1.25
N GLU B 187 20.87 -15.81 -1.28
CA GLU B 187 21.26 -14.86 -0.22
C GLU B 187 20.49 -13.55 -0.33
N HIS B 188 20.52 -12.96 -1.52
CA HIS B 188 19.67 -11.84 -1.89
C HIS B 188 19.06 -12.14 -3.23
N CYS B 189 18.02 -11.40 -3.59
CA CYS B 189 17.38 -11.54 -4.88
C CYS B 189 18.31 -10.88 -5.91
N ARG B 190 18.25 -11.31 -7.17
CA ARG B 190 18.96 -10.64 -8.26
C ARG B 190 18.15 -10.64 -9.56
N ILE B 191 18.31 -9.58 -10.37
CA ILE B 191 17.57 -9.45 -11.65
C ILE B 191 18.40 -9.00 -12.85
N ILE B 192 18.09 -9.52 -14.01
CA ILE B 192 18.65 -9.03 -15.27
C ILE B 192 17.56 -8.51 -16.22
N GLY B 193 17.74 -7.32 -16.81
CA GLY B 193 16.78 -6.73 -17.75
C GLY B 193 17.34 -6.28 -19.11
N LYS B 194 16.80 -6.82 -20.20
CA LYS B 194 17.14 -6.46 -21.58
C LYS B 194 15.85 -6.07 -22.33
N PRO B 195 15.98 -5.50 -23.55
CA PRO B 195 14.77 -5.39 -24.39
C PRO B 195 14.20 -6.75 -24.73
N LEU B 196 12.87 -6.80 -24.83
CA LEU B 196 12.15 -8.03 -25.11
C LEU B 196 12.85 -8.86 -26.19
N SER B 197 13.24 -8.17 -27.26
CA SER B 197 13.83 -8.79 -28.46
C SER B 197 15.06 -9.70 -28.22
N GLU B 198 15.63 -9.63 -27.04
CA GLU B 198 16.90 -10.23 -26.84
C GLU B 198 16.88 -11.34 -25.87
N TRP B 199 15.77 -12.02 -25.73
CA TRP B 199 15.79 -13.27 -25.02
C TRP B 199 15.33 -14.28 -25.99
N GLU B 200 14.62 -15.28 -25.50
CA GLU B 200 14.08 -16.31 -26.36
C GLU B 200 12.63 -15.99 -26.68
N ASN B 201 12.03 -16.77 -27.55
CA ASN B 201 10.66 -16.51 -27.96
C ASN B 201 9.66 -17.38 -27.24
N PHE B 208 -2.50 2.13 -24.01
CA PHE B 208 -2.79 0.83 -24.62
C PHE B 208 -3.12 -0.28 -23.61
N MET B 209 -3.52 -1.44 -24.15
CA MET B 209 -3.59 -2.72 -23.43
C MET B 209 -2.35 -3.54 -23.78
N SER B 210 -1.46 -2.88 -24.54
CA SER B 210 -0.07 -3.31 -24.73
C SER B 210 0.55 -3.50 -23.33
N PRO B 211 0.29 -2.56 -22.38
CA PRO B 211 0.44 -2.79 -20.97
C PRO B 211 0.05 -4.15 -20.43
N ASP B 212 -1.07 -4.73 -20.88
CA ASP B 212 -1.43 -6.08 -20.43
C ASP B 212 -0.75 -7.22 -21.19
N ALA B 213 -0.36 -6.97 -22.44
CA ALA B 213 0.45 -7.92 -23.20
C ALA B 213 1.83 -8.13 -22.55
N VAL B 214 2.45 -7.04 -22.10
CA VAL B 214 3.75 -7.09 -21.42
C VAL B 214 3.67 -7.93 -20.14
N SER B 215 2.66 -7.67 -19.32
CA SER B 215 2.43 -8.46 -18.10
C SER B 215 2.51 -9.95 -18.42
N ASP B 216 1.84 -10.36 -19.48
CA ASP B 216 1.79 -11.76 -19.87
C ASP B 216 3.18 -12.33 -20.14
N GLU B 217 4.02 -11.60 -20.86
CA GLU B 217 5.34 -12.11 -21.14
C GLU B 217 6.27 -12.18 -19.92
N ILE B 218 6.18 -11.24 -18.99
CA ILE B 218 6.97 -11.43 -17.77
C ILE B 218 6.61 -12.79 -17.11
N ILE B 219 5.40 -13.30 -17.33
CA ILE B 219 4.98 -14.62 -16.80
C ILE B 219 5.71 -15.82 -17.40
N ALA B 220 6.06 -15.76 -18.68
CA ALA B 220 6.96 -16.78 -19.23
C ALA B 220 8.40 -16.50 -18.72
N LEU B 221 8.62 -16.85 -17.45
CA LEU B 221 9.94 -16.83 -16.83
C LEU B 221 10.56 -18.20 -17.07
N GLN B 222 11.70 -18.21 -17.78
CA GLN B 222 12.40 -19.43 -18.25
C GLN B 222 11.48 -20.51 -18.84
ZN ZN C . -16.11 8.03 2.58
C9 JZ0 D . -9.42 4.50 14.60
C10 JZ0 D . -10.67 4.50 15.19
C11 JZ0 D . -11.69 5.24 14.63
C12 JZ0 D . -11.50 6.01 13.48
C13 JZ0 D . -10.27 6.03 12.86
C14 JZ0 D . -9.21 5.23 13.46
C15 JZ0 D . -7.88 5.25 12.82
OAB JZ0 D . -10.03 6.75 11.72
ZN ZN E . 12.89 -12.10 -4.63
C9 JZ0 F . 14.32 -0.99 -12.34
C10 JZ0 F . 13.56 0.19 -12.32
C11 JZ0 F . 12.92 0.62 -11.17
C12 JZ0 F . 13.02 -0.08 -9.96
C13 JZ0 F . 13.75 -1.25 -9.93
C14 JZ0 F . 14.42 -1.71 -11.15
C15 JZ0 F . 15.24 -2.96 -11.12
OAB JZ0 F . 13.86 -1.97 -8.80
#